data_3TBK
#
_entry.id   3TBK
#
_cell.length_a   46.144
_cell.length_b   86.027
_cell.length_c   153.097
_cell.angle_alpha   90.00
_cell.angle_beta   90.00
_cell.angle_gamma   90.00
#
_symmetry.space_group_name_H-M   'P 21 21 21'
#
loop_
_entity.id
_entity.type
_entity.pdbx_description
1 polymer 'RIG-I Helicase Domain'
2 non-polymer 'PHOSPHOAMINOPHOSPHONIC ACID-ADENYLATE ESTER'
3 non-polymer 1,2-ETHANEDIOL
4 water water
#
_entity_poly.entity_id   1
_entity_poly.type   'polypeptide(L)'
_entity_poly.pdbx_seq_one_letter_code
;SPLKPRNYQLELALPAKKGKNTIICAPTGCGKTFVSLLICEHHLKKFPCGQKGKVVFFANQIPVYEQQATVFSRYFERLG
YNIASISGATSDSVSVQHIIEDNDIIILTPQILVNNLNNGAIPSLSVFTL(MSE)IFDECHNTSKNHPYNQI(MSE)FRY
LDHKLGESRDPLPQVVGLTASVGVGDAKTAEEA(MSE)QHICKLCAALDASVIATVRDNVAELEQVVYKPQKISRKVASR
TSNTFKCIISQL(MSE)KETEKLAKDVSEELGKLFQIQNREFGTQKYEQWIVGVHKACSVFQ(MSE)ADKEEESRVCKAL
FLYTSHLRKYNDALIISEDAQ(MSE)TDALNYLKAFFHDVREAAFDETERELTRRFEEKLEELEKVSRDPSNENPKLRDL
YLVLQEEYHLKPETKTILFVKTRALVDALKKWIEENPALSFLKPGILTGRGRTNRATG(MSE)TLPAQKCVLEAFRASGD
NNILIATSVADEGIDIAECNLVILYEYVGNVIK(MSE)IQTRGRGRARDSKCFLLTSSADVIEKEKAN(MSE)IKEKI
(MSE)NESILRLQTWDE(MSE)KFGKTVHRIQVNEKLLRDS
;
_entity_poly.pdbx_strand_id   A
#
# COMPACT_ATOMS: atom_id res chain seq x y z
N SER A 1 0.86 -19.80 23.93
CA SER A 1 0.19 -20.68 22.97
C SER A 1 0.11 -20.06 21.56
N PRO A 2 0.17 -20.91 20.53
CA PRO A 2 0.29 -20.53 19.12
C PRO A 2 -1.03 -20.13 18.47
N LEU A 3 -0.96 -19.18 17.52
CA LEU A 3 -2.14 -18.70 16.80
C LEU A 3 -2.93 -19.81 16.08
N LYS A 4 -4.25 -19.65 16.08
CA LYS A 4 -5.11 -20.54 15.34
C LYS A 4 -5.09 -20.11 13.87
N PRO A 5 -4.82 -21.04 12.96
CA PRO A 5 -4.86 -20.66 11.54
C PRO A 5 -6.26 -20.27 11.11
N ARG A 6 -6.39 -19.23 10.30
CA ARG A 6 -7.63 -18.97 9.58
C ARG A 6 -7.85 -20.08 8.57
N ASN A 7 -9.12 -20.36 8.26
CA ASN A 7 -9.46 -21.36 7.27
C ASN A 7 -8.82 -21.12 5.89
N TYR A 8 -8.81 -19.88 5.41
CA TYR A 8 -8.23 -19.63 4.10
C TYR A 8 -6.71 -19.81 4.12
N GLN A 9 -6.13 -19.72 5.31
CA GLN A 9 -4.70 -19.97 5.47
C GLN A 9 -4.37 -21.45 5.32
N LEU A 10 -5.23 -22.29 5.89
CA LEU A 10 -5.13 -23.73 5.70
C LEU A 10 -5.36 -24.06 4.24
N GLU A 11 -6.35 -23.41 3.63
CA GLU A 11 -6.65 -23.62 2.22
C GLU A 11 -5.44 -23.32 1.32
N LEU A 12 -4.80 -22.16 1.54
CA LEU A 12 -3.62 -21.78 0.78
C LEU A 12 -2.47 -22.74 1.03
N ALA A 13 -2.31 -23.21 2.27
CA ALA A 13 -1.16 -24.03 2.62
C ALA A 13 -1.27 -25.46 2.11
N LEU A 14 -2.51 -25.93 1.92
CA LEU A 14 -2.74 -27.35 1.65
C LEU A 14 -1.95 -27.99 0.48
N PRO A 15 -1.94 -27.35 -0.70
CA PRO A 15 -1.15 -28.01 -1.77
C PRO A 15 0.35 -28.11 -1.45
N ALA A 16 0.93 -27.08 -0.83
CA ALA A 16 2.32 -27.15 -0.41
C ALA A 16 2.52 -28.25 0.63
N LYS A 17 1.54 -28.41 1.52
CA LYS A 17 1.63 -29.50 2.51
C LYS A 17 1.58 -30.88 1.84
N LYS A 18 0.97 -30.94 0.67
CA LYS A 18 0.97 -32.16 -0.11
C LYS A 18 2.24 -32.34 -0.91
N GLY A 19 3.18 -31.41 -0.77
CA GLY A 19 4.49 -31.56 -1.39
C GLY A 19 4.55 -30.97 -2.79
N LYS A 20 3.48 -30.29 -3.20
CA LYS A 20 3.48 -29.69 -4.54
C LYS A 20 4.20 -28.37 -4.58
N ASN A 21 4.95 -28.14 -5.64
CA ASN A 21 5.50 -26.83 -5.92
C ASN A 21 4.37 -25.87 -6.19
N THR A 22 4.28 -24.84 -5.37
CA THR A 22 3.09 -24.00 -5.32
C THR A 22 3.43 -22.52 -5.32
N ILE A 23 2.72 -21.75 -6.13
CA ILE A 23 2.71 -20.31 -5.97
C ILE A 23 1.43 -19.93 -5.22
N ILE A 24 1.60 -19.33 -4.05
CA ILE A 24 0.52 -18.87 -3.23
C ILE A 24 0.25 -17.42 -3.61
N CYS A 25 -0.91 -17.16 -4.19
CA CYS A 25 -1.20 -15.81 -4.65
C CYS A 25 -2.35 -15.26 -3.84
N ALA A 26 -2.03 -14.41 -2.87
CA ALA A 26 -3.01 -13.89 -1.91
C ALA A 26 -2.74 -12.42 -1.57
N PRO A 27 -3.80 -11.68 -1.24
CA PRO A 27 -3.69 -10.21 -1.15
C PRO A 27 -2.78 -9.71 -0.03
N THR A 28 -2.24 -8.52 -0.23
CA THR A 28 -1.47 -7.87 0.82
C THR A 28 -2.31 -7.80 2.08
N GLY A 29 -1.73 -8.19 3.20
CA GLY A 29 -2.42 -8.06 4.48
C GLY A 29 -3.05 -9.34 4.98
N CYS A 30 -3.17 -10.36 4.14
CA CYS A 30 -3.88 -11.57 4.58
C CYS A 30 -2.99 -12.56 5.35
N GLY A 31 -1.71 -12.21 5.49
CA GLY A 31 -0.82 -12.97 6.33
C GLY A 31 -0.18 -14.18 5.66
N LYS A 32 0.44 -13.96 4.50
CA LYS A 32 1.14 -15.03 3.79
C LYS A 32 2.35 -15.59 4.56
N THR A 33 2.98 -14.74 5.37
CA THR A 33 4.13 -15.19 6.14
C THR A 33 3.71 -16.28 7.10
N PHE A 34 2.58 -16.08 7.75
CA PHE A 34 2.02 -17.09 8.64
C PHE A 34 1.72 -18.43 7.91
N VAL A 35 1.18 -18.33 6.69
CA VAL A 35 0.95 -19.52 5.87
C VAL A 35 2.29 -20.25 5.64
N SER A 36 3.33 -19.49 5.35
CA SER A 36 4.64 -20.09 5.16
C SER A 36 5.16 -20.73 6.46
N LEU A 37 4.82 -20.16 7.61
CA LEU A 37 5.17 -20.81 8.89
C LEU A 37 4.47 -22.16 8.98
N LEU A 38 3.19 -22.20 8.62
CA LEU A 38 2.45 -23.47 8.68
C LEU A 38 3.06 -24.56 7.76
N ILE A 39 3.34 -24.16 6.53
CA ILE A 39 4.01 -25.04 5.57
C ILE A 39 5.36 -25.56 6.11
N CYS A 40 6.21 -24.66 6.61
CA CYS A 40 7.51 -25.09 7.14
C CYS A 40 7.39 -26.08 8.32
N GLU A 41 6.47 -25.80 9.24
CA GLU A 41 6.30 -26.68 10.39
C GLU A 41 5.88 -28.07 9.96
N HIS A 42 4.87 -28.10 9.11
CA HIS A 42 4.38 -29.36 8.60
C HIS A 42 5.50 -30.12 7.85
N HIS A 43 6.25 -29.36 7.07
CA HIS A 43 7.33 -29.89 6.25
C HIS A 43 8.35 -30.61 7.15
N LEU A 44 8.86 -29.87 8.14
CA LEU A 44 9.89 -30.41 9.02
C LEU A 44 9.39 -31.61 9.80
N LYS A 45 8.12 -31.60 10.20
CA LYS A 45 7.60 -32.78 10.89
C LYS A 45 7.42 -34.01 9.96
N LYS A 46 7.39 -33.80 8.65
CA LYS A 46 7.30 -34.95 7.72
C LYS A 46 8.37 -36.02 7.93
N PHE A 47 9.57 -35.61 8.31
CA PHE A 47 10.73 -36.50 8.27
C PHE A 47 10.76 -37.51 9.42
N PRO A 48 11.06 -38.77 9.09
CA PRO A 48 11.14 -39.86 10.08
C PRO A 48 12.47 -39.85 10.83
N CYS A 49 12.69 -40.89 11.64
CA CYS A 49 13.92 -41.03 12.43
C CYS A 49 15.19 -40.91 11.59
N GLY A 50 16.14 -40.10 12.08
CA GLY A 50 17.40 -39.89 11.38
C GLY A 50 17.34 -38.73 10.42
N GLN A 51 16.37 -38.81 9.50
CA GLN A 51 16.16 -37.75 8.50
C GLN A 51 15.82 -36.38 9.11
N LYS A 52 16.24 -35.33 8.41
CA LYS A 52 15.96 -33.95 8.78
C LYS A 52 15.71 -33.17 7.49
N GLY A 53 14.63 -32.40 7.44
CA GLY A 53 14.41 -31.50 6.34
C GLY A 53 15.34 -30.31 6.50
N LYS A 54 15.41 -29.46 5.48
CA LYS A 54 16.13 -28.21 5.63
C LYS A 54 15.55 -27.15 4.72
N VAL A 55 15.04 -26.09 5.33
CA VAL A 55 14.29 -25.06 4.63
C VAL A 55 15.14 -23.82 4.43
N VAL A 56 15.10 -23.25 3.24
CA VAL A 56 15.64 -21.92 3.05
C VAL A 56 14.51 -20.97 2.66
N PHE A 57 14.47 -19.80 3.29
CA PHE A 57 13.43 -18.80 3.03
C PHE A 57 14.11 -17.56 2.50
N PHE A 58 13.74 -17.13 1.30
CA PHE A 58 14.33 -15.94 0.70
C PHE A 58 13.49 -14.69 0.91
N ALA A 59 14.13 -13.66 1.45
CA ALA A 59 13.50 -12.36 1.57
C ALA A 59 14.10 -11.43 0.52
N ASN A 60 13.29 -10.52 0.01
CA ASN A 60 13.70 -9.64 -1.07
C ASN A 60 14.09 -8.24 -0.58
N GLN A 61 13.57 -7.85 0.58
CA GLN A 61 13.81 -6.52 1.16
C GLN A 61 14.43 -6.62 2.54
N ILE A 62 15.38 -5.75 2.85
CA ILE A 62 16.03 -5.75 4.17
C ILE A 62 15.03 -5.69 5.33
N PRO A 63 14.16 -4.66 5.37
CA PRO A 63 13.20 -4.57 6.48
C PRO A 63 12.39 -5.85 6.65
N VAL A 64 11.95 -6.39 5.51
CA VAL A 64 11.18 -7.63 5.49
C VAL A 64 12.03 -8.79 5.97
N TYR A 65 13.25 -8.89 5.46
CA TYR A 65 14.23 -9.83 6.02
C TYR A 65 14.29 -9.80 7.54
N GLU A 66 14.54 -8.62 8.12
CA GLU A 66 14.68 -8.54 9.57
C GLU A 66 13.41 -9.02 10.24
N GLN A 67 12.26 -8.56 9.75
CA GLN A 67 11.01 -9.02 10.34
C GLN A 67 10.86 -10.55 10.28
N GLN A 68 11.01 -11.13 9.09
CA GLN A 68 10.89 -12.59 8.91
C GLN A 68 11.85 -13.36 9.78
N ALA A 69 13.13 -12.97 9.76
CA ALA A 69 14.12 -13.57 10.64
C ALA A 69 13.55 -13.64 12.05
N THR A 70 13.01 -12.52 12.51
CA THR A 70 12.51 -12.50 13.88
C THR A 70 11.29 -13.40 14.08
N VAL A 71 10.37 -13.38 13.12
CA VAL A 71 9.17 -14.20 13.21
C VAL A 71 9.52 -15.69 13.26
N PHE A 72 10.35 -16.11 12.32
CA PHE A 72 10.74 -17.50 12.23
C PHE A 72 11.50 -17.95 13.48
N SER A 73 12.46 -17.13 13.93
CA SER A 73 13.24 -17.56 15.10
C SER A 73 12.34 -17.64 16.33
N ARG A 74 11.53 -16.62 16.53
CA ARG A 74 10.58 -16.62 17.62
C ARG A 74 9.68 -17.86 17.60
N TYR A 75 9.17 -18.23 16.43
CA TYR A 75 8.25 -19.37 16.37
C TYR A 75 8.91 -20.75 16.49
N PHE A 76 10.04 -20.94 15.84
CA PHE A 76 10.63 -22.27 15.73
C PHE A 76 11.74 -22.55 16.76
N GLU A 77 12.48 -21.52 17.16
CA GLU A 77 13.57 -21.73 18.15
C GLU A 77 12.98 -22.34 19.43
N ARG A 78 11.82 -21.82 19.84
CA ARG A 78 11.04 -22.36 20.95
C ARG A 78 10.78 -23.86 20.85
N LEU A 79 10.54 -24.34 19.63
CA LEU A 79 10.24 -25.76 19.39
C LEU A 79 11.50 -26.60 19.20
N GLY A 80 12.68 -26.01 19.43
CA GLY A 80 13.92 -26.74 19.37
C GLY A 80 14.46 -27.01 17.98
N TYR A 81 14.13 -26.16 17.02
CA TYR A 81 14.75 -26.22 15.70
C TYR A 81 15.87 -25.20 15.66
N ASN A 82 16.89 -25.52 14.88
CA ASN A 82 17.96 -24.59 14.60
C ASN A 82 17.53 -23.60 13.53
N ILE A 83 17.53 -22.32 13.89
CA ILE A 83 17.09 -21.29 12.97
C ILE A 83 18.13 -20.23 12.83
N ALA A 84 18.45 -19.88 11.60
CA ALA A 84 19.45 -18.87 11.41
C ALA A 84 18.98 -17.90 10.36
N SER A 85 19.52 -16.69 10.44
CA SER A 85 19.30 -15.74 9.39
C SER A 85 20.61 -15.12 9.06
N ILE A 86 20.81 -14.83 7.78
CA ILE A 86 21.99 -14.12 7.39
C ILE A 86 21.75 -13.28 6.14
N SER A 87 22.38 -12.11 6.11
CA SER A 87 22.33 -11.22 4.97
C SER A 87 23.73 -10.66 4.79
N GLY A 88 23.85 -9.68 3.90
CA GLY A 88 25.11 -9.01 3.65
C GLY A 88 25.70 -8.34 4.88
N ALA A 89 24.86 -8.08 5.89
CA ALA A 89 25.32 -7.46 7.13
C ALA A 89 26.43 -8.28 7.76
N THR A 90 26.39 -9.59 7.52
CA THR A 90 27.26 -10.51 8.24
C THR A 90 27.88 -11.57 7.34
N SER A 91 27.37 -11.67 6.11
CA SER A 91 27.75 -12.76 5.21
C SER A 91 29.26 -12.88 4.95
N ASP A 92 29.94 -11.74 4.86
CA ASP A 92 31.34 -11.75 4.48
C ASP A 92 32.27 -12.17 5.63
N SER A 93 31.74 -12.20 6.85
CA SER A 93 32.53 -12.61 8.02
C SER A 93 32.09 -13.94 8.66
N VAL A 94 31.18 -14.65 8.01
CA VAL A 94 30.75 -15.95 8.53
C VAL A 94 30.83 -17.04 7.46
N SER A 95 30.71 -18.30 7.87
CA SER A 95 30.64 -19.39 6.90
C SER A 95 29.19 -19.70 6.56
N VAL A 96 28.71 -19.13 5.46
CA VAL A 96 27.39 -19.45 4.95
C VAL A 96 27.24 -20.96 4.90
N GLN A 97 28.25 -21.62 4.35
CA GLN A 97 28.27 -23.06 4.25
C GLN A 97 27.95 -23.75 5.58
N HIS A 98 28.66 -23.36 6.65
CA HIS A 98 28.43 -23.97 7.94
C HIS A 98 27.09 -23.56 8.54
N ILE A 99 26.66 -22.33 8.29
CA ILE A 99 25.36 -21.91 8.76
C ILE A 99 24.24 -22.78 8.14
N ILE A 100 24.38 -23.11 6.86
CA ILE A 100 23.40 -23.99 6.22
C ILE A 100 23.48 -25.41 6.78
N GLU A 101 24.71 -25.90 6.99
CA GLU A 101 24.89 -27.23 7.59
C GLU A 101 24.30 -27.33 9.00
N ASP A 102 24.43 -26.25 9.78
CA ASP A 102 24.05 -26.31 11.18
C ASP A 102 22.57 -26.03 11.46
N ASN A 103 21.84 -25.58 10.44
CA ASN A 103 20.47 -25.12 10.69
C ASN A 103 19.37 -25.83 9.92
N ASP A 104 18.16 -25.85 10.49
CA ASP A 104 17.00 -26.46 9.86
C ASP A 104 16.21 -25.48 9.00
N ILE A 105 16.24 -24.21 9.42
CA ILE A 105 15.64 -23.15 8.64
C ILE A 105 16.60 -21.99 8.57
N ILE A 106 16.87 -21.52 7.36
CA ILE A 106 17.73 -20.38 7.17
C ILE A 106 17.00 -19.30 6.38
N ILE A 107 16.94 -18.09 6.95
CA ILE A 107 16.39 -16.95 6.24
C ILE A 107 17.52 -16.17 5.61
N LEU A 108 17.40 -15.95 4.32
CA LEU A 108 18.50 -15.42 3.51
C LEU A 108 18.02 -14.36 2.58
N THR A 109 18.87 -13.39 2.30
CA THR A 109 18.69 -12.61 1.08
C THR A 109 19.34 -13.46 -0.03
N PRO A 110 18.75 -13.45 -1.23
CA PRO A 110 19.14 -14.44 -2.25
C PRO A 110 20.56 -14.34 -2.83
N GLN A 111 21.08 -13.12 -2.99
CA GLN A 111 22.39 -12.97 -3.62
C GLN A 111 23.42 -13.80 -2.86
N ILE A 112 23.28 -13.87 -1.54
CA ILE A 112 24.19 -14.64 -0.70
C ILE A 112 24.27 -16.11 -1.19
N LEU A 113 23.09 -16.69 -1.42
CA LEU A 113 23.04 -18.07 -1.85
C LEU A 113 23.61 -18.18 -3.26
N VAL A 114 23.29 -17.21 -4.13
CA VAL A 114 23.87 -17.26 -5.46
C VAL A 114 25.42 -17.32 -5.39
N ASN A 115 26.00 -16.44 -4.57
CA ASN A 115 27.45 -16.37 -4.43
C ASN A 115 28.02 -17.69 -3.95
N ASN A 116 27.33 -18.30 -2.99
CA ASN A 116 27.82 -19.57 -2.47
C ASN A 116 27.55 -20.83 -3.29
N LEU A 117 26.68 -20.71 -4.30
CA LEU A 117 26.53 -21.78 -5.28
C LEU A 117 27.65 -21.60 -6.28
N ASN A 118 27.90 -20.36 -6.67
CA ASN A 118 28.91 -20.08 -7.69
C ASN A 118 30.37 -20.44 -7.34
N ASN A 119 30.75 -20.31 -6.07
CA ASN A 119 32.10 -20.69 -5.65
C ASN A 119 32.16 -22.12 -5.10
N GLY A 120 31.08 -22.88 -5.31
CA GLY A 120 31.05 -24.25 -4.83
C GLY A 120 30.92 -24.46 -3.34
N ALA A 121 30.90 -23.37 -2.56
CA ALA A 121 30.64 -23.49 -1.12
C ALA A 121 29.41 -24.36 -0.86
N ILE A 122 28.37 -24.16 -1.66
CA ILE A 122 27.19 -25.03 -1.61
C ILE A 122 27.15 -25.77 -2.94
N PRO A 123 27.59 -27.01 -2.95
CA PRO A 123 27.76 -27.66 -4.25
C PRO A 123 26.42 -27.94 -4.94
N SER A 124 25.32 -27.94 -4.20
CA SER A 124 24.05 -28.43 -4.73
C SER A 124 22.81 -27.96 -3.98
N LEU A 125 21.77 -27.59 -4.72
CA LEU A 125 20.50 -27.27 -4.09
C LEU A 125 19.88 -28.49 -3.43
N SER A 126 20.42 -29.68 -3.71
CA SER A 126 19.93 -30.90 -3.08
C SER A 126 20.02 -30.87 -1.56
N VAL A 127 20.83 -29.97 -1.02
CA VAL A 127 20.95 -29.89 0.43
C VAL A 127 19.66 -29.33 1.08
N PHE A 128 18.81 -28.66 0.29
CA PHE A 128 17.53 -28.18 0.81
C PHE A 128 16.38 -29.13 0.49
N THR A 129 15.41 -29.23 1.37
CA THR A 129 14.22 -30.00 1.02
C THR A 129 13.05 -29.09 0.69
N LEU A 130 13.18 -27.81 1.02
CA LEU A 130 12.13 -26.83 0.77
C LEU A 130 12.75 -25.45 0.64
N ILE A 132 11.49 -21.41 -0.04
CA ILE A 132 10.37 -20.49 -0.07
C ILE A 132 10.82 -19.13 -0.58
N PHE A 133 10.18 -18.65 -1.64
CA PHE A 133 10.51 -17.36 -2.23
C PHE A 133 9.41 -16.32 -1.92
N ASP A 134 9.72 -15.35 -1.07
CA ASP A 134 8.76 -14.28 -0.78
C ASP A 134 8.81 -13.27 -1.92
N GLU A 135 7.68 -12.63 -2.22
CA GLU A 135 7.61 -11.74 -3.38
C GLU A 135 8.12 -12.48 -4.63
N CYS A 136 7.57 -13.66 -4.89
CA CYS A 136 8.14 -14.56 -5.89
C CYS A 136 7.94 -14.10 -7.34
N HIS A 137 7.08 -13.10 -7.56
CA HIS A 137 6.88 -12.57 -8.90
C HIS A 137 8.18 -11.95 -9.43
N ASN A 138 9.15 -11.81 -8.52
CA ASN A 138 10.47 -11.30 -8.87
C ASN A 138 11.35 -12.33 -9.56
N THR A 139 10.86 -13.56 -9.66
CA THR A 139 11.63 -14.62 -10.29
C THR A 139 11.54 -14.45 -11.81
N SER A 140 12.31 -13.49 -12.32
CA SER A 140 12.30 -13.16 -13.73
C SER A 140 13.59 -12.40 -14.07
N LYS A 141 13.77 -12.13 -15.35
CA LYS A 141 14.90 -11.32 -15.81
C LYS A 141 16.20 -11.92 -15.30
N ASN A 142 17.04 -11.10 -14.67
CA ASN A 142 18.27 -11.62 -14.08
C ASN A 142 18.33 -11.39 -12.57
N HIS A 143 17.15 -11.23 -11.96
CA HIS A 143 17.02 -11.18 -10.51
C HIS A 143 17.69 -12.40 -9.87
N PRO A 144 18.27 -12.24 -8.67
CA PRO A 144 18.88 -13.36 -7.95
C PRO A 144 17.96 -14.58 -7.78
N TYR A 145 16.66 -14.36 -7.62
CA TYR A 145 15.70 -15.46 -7.58
C TYR A 145 15.80 -16.29 -8.85
N ASN A 146 15.81 -15.61 -9.99
CA ASN A 146 15.85 -16.32 -11.26
C ASN A 146 17.17 -17.05 -11.41
N GLN A 147 18.26 -16.45 -10.92
CA GLN A 147 19.57 -17.09 -10.99
C GLN A 147 19.60 -18.36 -10.15
N ILE A 148 18.99 -18.34 -8.97
CA ILE A 148 18.85 -19.57 -8.19
C ILE A 148 18.05 -20.62 -8.98
N PHE A 150 17.65 -20.93 -12.16
CA PHE A 150 18.39 -21.43 -13.32
C PHE A 150 19.15 -22.69 -12.94
N ARG A 151 19.77 -22.68 -11.77
CA ARG A 151 20.50 -23.82 -11.30
C ARG A 151 19.57 -24.97 -10.98
N TYR A 152 18.48 -24.64 -10.29
CA TYR A 152 17.49 -25.66 -9.99
C TYR A 152 17.02 -26.36 -11.28
N LEU A 153 16.68 -25.57 -12.29
CA LEU A 153 16.15 -26.08 -13.55
C LEU A 153 17.20 -26.81 -14.42
N ASP A 154 18.44 -26.31 -14.43
CA ASP A 154 19.52 -27.02 -15.09
C ASP A 154 19.63 -28.39 -14.47
N HIS A 155 19.51 -28.44 -13.15
CA HIS A 155 19.58 -29.72 -12.45
C HIS A 155 18.39 -30.62 -12.82
N LYS A 156 17.18 -30.06 -12.77
CA LYS A 156 15.96 -30.78 -13.11
C LYS A 156 15.95 -31.36 -14.53
N LEU A 157 16.42 -30.59 -15.50
CA LEU A 157 16.35 -31.00 -16.90
C LEU A 157 17.60 -31.76 -17.35
N GLY A 158 18.53 -31.97 -16.42
CA GLY A 158 19.76 -32.69 -16.73
C GLY A 158 19.67 -34.15 -16.36
N GLU A 159 20.82 -34.78 -16.17
CA GLU A 159 20.86 -36.23 -15.95
C GLU A 159 21.11 -36.65 -14.51
N SER A 160 21.28 -35.68 -13.62
CA SER A 160 21.50 -36.00 -12.21
C SER A 160 20.28 -36.67 -11.59
N ARG A 161 20.54 -37.66 -10.73
CA ARG A 161 19.49 -38.37 -10.01
C ARG A 161 19.31 -37.82 -8.59
N ASP A 162 20.11 -36.84 -8.20
CA ASP A 162 19.95 -36.20 -6.90
C ASP A 162 18.63 -35.45 -6.83
N PRO A 163 17.93 -35.55 -5.69
CA PRO A 163 16.64 -34.89 -5.50
C PRO A 163 16.74 -33.37 -5.47
N LEU A 164 15.64 -32.70 -5.80
CA LEU A 164 15.55 -31.24 -5.69
C LEU A 164 14.53 -30.87 -4.62
N PRO A 165 14.69 -29.70 -4.00
CA PRO A 165 13.76 -29.32 -2.95
C PRO A 165 12.41 -28.96 -3.55
N GLN A 166 11.37 -29.04 -2.72
CA GLN A 166 10.11 -28.41 -3.03
C GLN A 166 10.29 -26.90 -3.10
N VAL A 167 9.53 -26.27 -4.01
CA VAL A 167 9.59 -24.82 -4.19
C VAL A 167 8.21 -24.21 -3.94
N VAL A 168 8.16 -23.21 -3.07
CA VAL A 168 6.93 -22.47 -2.82
C VAL A 168 7.22 -20.98 -3.01
N GLY A 169 6.39 -20.30 -3.79
CA GLY A 169 6.47 -18.84 -3.87
C GLY A 169 5.30 -18.17 -3.16
N LEU A 170 5.53 -16.98 -2.62
CA LEU A 170 4.46 -16.17 -2.05
C LEU A 170 4.44 -14.87 -2.82
N THR A 171 3.24 -14.37 -3.11
CA THR A 171 3.12 -13.09 -3.75
C THR A 171 1.69 -12.55 -3.58
N ALA A 172 1.54 -11.24 -3.71
CA ALA A 172 0.22 -10.63 -3.70
C ALA A 172 -0.35 -10.54 -5.12
N SER A 173 0.54 -10.65 -6.11
CA SER A 173 0.14 -10.63 -7.51
C SER A 173 1.13 -11.34 -8.43
N VAL A 174 0.66 -12.35 -9.16
CA VAL A 174 1.52 -13.01 -10.14
C VAL A 174 1.77 -12.05 -11.30
N GLY A 175 0.92 -11.05 -11.45
CA GLY A 175 1.10 -10.05 -12.48
C GLY A 175 0.69 -10.53 -13.86
N VAL A 176 0.89 -9.68 -14.85
CA VAL A 176 0.31 -9.87 -16.17
C VAL A 176 1.32 -9.43 -17.23
N GLY A 177 2.41 -8.83 -16.78
CA GLY A 177 3.37 -8.23 -17.67
C GLY A 177 2.70 -7.20 -18.56
N ASP A 178 2.98 -7.25 -19.86
CA ASP A 178 2.39 -6.31 -20.80
C ASP A 178 1.12 -6.85 -21.46
N ALA A 179 0.58 -7.94 -20.92
CA ALA A 179 -0.58 -8.57 -21.51
C ALA A 179 -1.77 -7.61 -21.58
N LYS A 180 -2.51 -7.71 -22.68
CA LYS A 180 -3.70 -6.92 -22.88
C LYS A 180 -4.90 -7.84 -23.00
N THR A 181 -4.64 -9.11 -23.28
CA THR A 181 -5.71 -10.08 -23.44
C THR A 181 -5.50 -11.25 -22.50
N ALA A 182 -6.53 -12.09 -22.36
CA ALA A 182 -6.40 -13.25 -21.50
C ALA A 182 -5.36 -14.22 -22.09
N GLU A 183 -5.24 -14.24 -23.42
CA GLU A 183 -4.31 -15.16 -24.06
C GLU A 183 -2.85 -14.87 -23.65
N GLU A 184 -2.48 -13.60 -23.78
CA GLU A 184 -1.14 -13.14 -23.38
C GLU A 184 -0.91 -13.22 -21.86
N ALA A 185 -1.92 -12.88 -21.09
CA ALA A 185 -1.78 -12.91 -19.64
C ALA A 185 -1.53 -14.35 -19.20
N GLN A 187 -0.16 -16.67 -20.98
CA GLN A 187 1.22 -16.98 -21.34
C GLN A 187 2.21 -16.45 -20.28
N HIS A 188 2.03 -15.20 -19.87
CA HIS A 188 2.91 -14.60 -18.87
C HIS A 188 2.90 -15.41 -17.56
N ILE A 189 1.70 -15.79 -17.14
CA ILE A 189 1.56 -16.49 -15.87
C ILE A 189 2.19 -17.89 -15.95
N CYS A 190 2.01 -18.54 -17.09
CA CYS A 190 2.65 -19.84 -17.30
C CYS A 190 4.18 -19.73 -17.30
N LYS A 191 4.70 -18.63 -17.83
CA LYS A 191 6.16 -18.44 -17.79
C LYS A 191 6.68 -18.20 -16.36
N LEU A 192 5.94 -17.46 -15.56
CA LEU A 192 6.31 -17.36 -14.14
C LEU A 192 6.25 -18.72 -13.44
N CYS A 193 5.19 -19.51 -13.72
CA CYS A 193 5.12 -20.83 -13.11
C CYS A 193 6.30 -21.69 -13.58
N ALA A 194 6.71 -21.50 -14.83
CA ALA A 194 7.87 -22.23 -15.33
C ALA A 194 9.13 -21.83 -14.60
N ALA A 195 9.28 -20.53 -14.36
CA ALA A 195 10.44 -19.98 -13.67
C ALA A 195 10.63 -20.53 -12.25
N LEU A 196 9.52 -20.85 -11.58
CA LEU A 196 9.55 -21.37 -10.22
C LEU A 196 9.22 -22.86 -10.14
N ASP A 197 9.15 -23.54 -11.29
CA ASP A 197 8.79 -24.96 -11.39
C ASP A 197 7.49 -25.31 -10.64
N ALA A 198 6.55 -24.38 -10.66
CA ALA A 198 5.29 -24.52 -9.94
C ALA A 198 4.30 -25.45 -10.69
N SER A 199 3.62 -26.32 -9.95
CA SER A 199 2.53 -27.10 -10.56
C SER A 199 1.16 -26.65 -10.05
N VAL A 200 1.14 -25.80 -9.03
CA VAL A 200 -0.13 -25.30 -8.50
C VAL A 200 -0.08 -23.80 -8.27
N ILE A 201 -1.14 -23.12 -8.66
CA ILE A 201 -1.35 -21.76 -8.20
C ILE A 201 -2.47 -21.78 -7.15
N ALA A 202 -2.12 -21.47 -5.91
CA ALA A 202 -3.12 -21.54 -4.84
C ALA A 202 -3.67 -20.15 -4.54
N THR A 203 -5.00 -20.03 -4.62
CA THR A 203 -5.68 -18.78 -4.23
C THR A 203 -6.83 -19.10 -3.27
N VAL A 204 -7.40 -18.08 -2.64
CA VAL A 204 -8.53 -18.37 -1.77
C VAL A 204 -9.78 -18.49 -2.64
N ARG A 205 -10.37 -19.67 -2.64
CA ARG A 205 -11.56 -19.93 -3.43
C ARG A 205 -12.71 -20.42 -2.56
N ASP A 206 -12.39 -21.22 -1.55
CA ASP A 206 -13.44 -21.76 -0.69
C ASP A 206 -13.78 -20.83 0.49
N ASN A 207 -12.79 -20.07 0.95
CA ASN A 207 -12.97 -19.27 2.16
C ASN A 207 -12.91 -17.77 1.91
N VAL A 208 -13.55 -17.33 0.84
CA VAL A 208 -13.49 -15.95 0.43
C VAL A 208 -14.10 -15.00 1.45
N ALA A 209 -15.20 -15.41 2.08
CA ALA A 209 -15.87 -14.52 3.02
C ALA A 209 -14.96 -14.29 4.22
N GLU A 210 -14.27 -15.33 4.65
CA GLU A 210 -13.36 -15.19 5.79
C GLU A 210 -12.17 -14.28 5.41
N LEU A 211 -11.68 -14.42 4.18
CA LEU A 211 -10.59 -13.56 3.69
C LEU A 211 -10.98 -12.09 3.74
N GLU A 212 -12.19 -11.83 3.25
CA GLU A 212 -12.70 -10.45 3.12
C GLU A 212 -12.98 -9.78 4.48
N GLN A 213 -13.13 -10.58 5.53
CA GLN A 213 -13.17 -10.04 6.89
C GLN A 213 -11.79 -9.50 7.29
N VAL A 214 -10.76 -9.90 6.56
CA VAL A 214 -9.39 -9.49 6.86
C VAL A 214 -8.91 -8.44 5.86
N VAL A 215 -9.17 -8.67 4.59
CA VAL A 215 -8.82 -7.67 3.60
C VAL A 215 -9.84 -7.75 2.45
N TYR A 216 -10.27 -6.59 1.97
CA TYR A 216 -11.32 -6.50 0.98
C TYR A 216 -11.12 -5.27 0.12
N LYS A 217 -11.15 -5.45 -1.19
CA LYS A 217 -11.12 -4.33 -2.12
C LYS A 217 -12.35 -4.40 -3.02
N PRO A 218 -13.24 -3.42 -2.88
CA PRO A 218 -14.45 -3.45 -3.70
C PRO A 218 -14.12 -3.00 -5.13
N GLN A 219 -15.05 -3.24 -6.05
CA GLN A 219 -14.88 -2.73 -7.40
C GLN A 219 -15.16 -1.24 -7.40
N LYS A 220 -14.22 -0.47 -7.93
CA LYS A 220 -14.42 0.96 -8.05
C LYS A 220 -15.00 1.34 -9.41
N ILE A 221 -16.04 2.16 -9.37
CA ILE A 221 -16.53 2.83 -10.57
C ILE A 221 -15.97 4.26 -10.53
N SER A 222 -15.12 4.59 -11.50
CA SER A 222 -14.56 5.93 -11.56
C SER A 222 -15.46 6.91 -12.30
N ARG A 223 -15.46 8.15 -11.82
CA ARG A 223 -16.24 9.23 -12.40
C ARG A 223 -15.44 10.54 -12.40
N LYS A 224 -15.33 11.13 -13.60
CA LYS A 224 -14.63 12.40 -13.72
C LYS A 224 -15.52 13.52 -13.23
N VAL A 225 -14.94 14.37 -12.41
CA VAL A 225 -15.70 15.45 -11.82
C VAL A 225 -15.07 16.80 -12.19
N ALA A 226 -15.90 17.84 -12.23
CA ALA A 226 -15.43 19.16 -12.60
C ALA A 226 -14.47 19.72 -11.57
N SER A 227 -13.76 20.78 -11.93
CA SER A 227 -12.96 21.51 -10.94
C SER A 227 -12.80 22.98 -11.33
N ARG A 228 -12.42 23.81 -10.36
CA ARG A 228 -12.44 25.26 -10.50
C ARG A 228 -11.76 25.80 -11.76
N THR A 229 -12.41 26.75 -12.42
CA THR A 229 -11.81 27.43 -13.56
C THR A 229 -10.92 28.59 -13.10
N SER A 230 -10.99 28.88 -11.80
CA SER A 230 -10.17 29.92 -11.18
C SER A 230 -10.35 29.83 -9.68
N ASN A 231 -9.44 30.43 -8.92
CA ASN A 231 -9.48 30.38 -7.47
C ASN A 231 -8.80 31.60 -6.86
N THR A 232 -9.56 32.68 -6.72
CA THR A 232 -9.03 33.94 -6.24
C THR A 232 -8.65 33.84 -4.76
N PHE A 233 -9.43 33.06 -4.00
CA PHE A 233 -9.10 32.78 -2.61
C PHE A 233 -7.68 32.24 -2.58
N LYS A 234 -7.41 31.29 -3.47
CA LYS A 234 -6.09 30.67 -3.56
C LYS A 234 -4.99 31.64 -3.97
N CYS A 235 -5.29 32.59 -4.85
CA CYS A 235 -4.29 33.60 -5.24
C CYS A 235 -3.89 34.48 -4.04
N ILE A 236 -4.91 34.97 -3.33
CA ILE A 236 -4.68 35.79 -2.14
C ILE A 236 -3.89 35.03 -1.06
N ILE A 237 -4.40 33.86 -0.68
CA ILE A 237 -3.73 33.07 0.35
C ILE A 237 -2.31 32.70 -0.08
N SER A 238 -2.13 32.41 -1.37
CA SER A 238 -0.81 32.05 -1.87
C SER A 238 0.17 33.22 -1.72
N GLN A 239 -0.35 34.43 -1.87
CA GLN A 239 0.50 35.60 -1.65
C GLN A 239 0.88 35.74 -0.16
N LEU A 240 -0.09 35.55 0.73
CA LEU A 240 0.23 35.54 2.16
C LEU A 240 1.31 34.50 2.45
N LYS A 242 3.64 33.31 0.38
CA LYS A 242 4.95 33.71 -0.11
C LYS A 242 5.61 34.71 0.82
N GLU A 243 4.84 35.69 1.29
CA GLU A 243 5.37 36.66 2.24
C GLU A 243 5.91 35.95 3.49
N THR A 244 5.10 35.01 3.99
CA THR A 244 5.45 34.28 5.18
C THR A 244 6.72 33.46 4.98
N GLU A 245 6.82 32.77 3.86
CA GLU A 245 8.01 32.01 3.50
C GLU A 245 9.25 32.89 3.41
N LYS A 246 9.11 34.08 2.85
CA LYS A 246 10.24 35.00 2.85
C LYS A 246 10.67 35.22 4.28
N LEU A 247 9.73 35.63 5.13
CA LEU A 247 10.08 35.88 6.53
C LEU A 247 10.79 34.69 7.19
N ALA A 248 10.31 33.48 6.88
CA ALA A 248 10.81 32.26 7.51
C ALA A 248 12.21 31.90 7.04
N LYS A 249 12.41 31.97 5.73
CA LYS A 249 13.67 31.57 5.11
C LYS A 249 14.82 32.45 5.59
N ASP A 250 14.49 33.65 6.06
CA ASP A 250 15.50 34.62 6.45
C ASP A 250 15.89 34.55 7.94
N VAL A 251 15.26 33.65 8.68
CA VAL A 251 15.56 33.51 10.10
C VAL A 251 16.98 33.01 10.28
N SER A 252 17.35 32.01 9.47
CA SER A 252 18.60 31.31 9.61
C SER A 252 19.09 30.83 8.26
N GLU A 253 20.33 31.16 7.91
CA GLU A 253 20.87 30.75 6.62
C GLU A 253 20.84 29.23 6.49
N GLU A 254 21.37 28.57 7.52
CA GLU A 254 21.43 27.12 7.57
C GLU A 254 20.08 26.46 7.31
N LEU A 255 19.09 26.82 8.12
CA LEU A 255 17.75 26.29 7.93
C LEU A 255 17.10 26.93 6.70
N GLY A 256 17.54 28.14 6.37
CA GLY A 256 17.09 28.81 5.17
C GLY A 256 17.21 27.90 3.96
N LYS A 257 18.30 27.14 3.92
CA LYS A 257 18.50 26.19 2.80
C LYS A 257 17.31 25.25 2.53
N LEU A 258 16.57 24.89 3.57
CA LEU A 258 15.42 24.00 3.41
C LEU A 258 14.37 24.54 2.43
N PHE A 259 14.27 25.85 2.32
CA PHE A 259 13.32 26.49 1.41
C PHE A 259 13.75 26.38 -0.07
N GLN A 260 14.99 25.95 -0.30
CA GLN A 260 15.50 25.68 -1.65
C GLN A 260 14.76 24.50 -2.26
N ILE A 261 14.41 23.53 -1.43
CA ILE A 261 13.70 22.34 -1.89
C ILE A 261 12.52 22.72 -2.78
N GLN A 262 12.42 22.07 -3.93
CA GLN A 262 11.32 22.31 -4.86
C GLN A 262 10.38 21.11 -4.91
N ASN A 263 9.40 21.18 -5.79
CA ASN A 263 8.38 20.15 -5.86
C ASN A 263 7.57 20.13 -4.57
N ARG A 264 7.26 21.32 -4.08
CA ARG A 264 6.42 21.50 -2.91
C ARG A 264 5.49 22.69 -3.18
N GLU A 265 4.56 22.50 -4.11
CA GLU A 265 3.61 23.54 -4.51
C GLU A 265 2.60 23.87 -3.40
N PHE A 266 2.23 25.14 -3.29
CA PHE A 266 1.20 25.58 -2.35
C PHE A 266 -0.12 24.81 -2.54
N GLY A 267 -0.73 24.41 -1.43
CA GLY A 267 -2.00 23.70 -1.49
C GLY A 267 -1.92 22.24 -1.86
N THR A 268 -0.92 21.52 -1.33
CA THR A 268 -0.76 20.11 -1.66
C THR A 268 -0.26 19.31 -0.48
N GLN A 269 -0.36 17.98 -0.58
CA GLN A 269 0.12 17.12 0.46
C GLN A 269 1.65 17.12 0.48
N LYS A 270 2.25 17.44 -0.66
CA LYS A 270 3.71 17.54 -0.73
C LYS A 270 4.19 18.68 0.14
N TYR A 271 3.43 19.77 0.13
CA TYR A 271 3.78 20.93 0.94
C TYR A 271 3.71 20.56 2.42
N GLU A 272 2.67 19.81 2.79
CA GLU A 272 2.49 19.41 4.18
C GLU A 272 3.65 18.51 4.62
N GLN A 273 4.03 17.60 3.73
CA GLN A 273 5.20 16.76 3.99
C GLN A 273 6.46 17.61 4.19
N TRP A 274 6.62 18.61 3.35
CA TRP A 274 7.78 19.48 3.45
C TRP A 274 7.78 20.16 4.83
N ILE A 275 6.61 20.59 5.28
CA ILE A 275 6.52 21.22 6.60
C ILE A 275 6.95 20.25 7.70
N VAL A 276 6.43 19.03 7.63
CA VAL A 276 6.86 18.00 8.57
C VAL A 276 8.40 17.89 8.56
N GLY A 277 8.98 17.95 7.38
CA GLY A 277 10.43 17.91 7.25
C GLY A 277 11.11 19.07 7.95
N VAL A 278 10.57 20.28 7.78
CA VAL A 278 11.12 21.45 8.42
C VAL A 278 11.10 21.31 9.96
N HIS A 279 9.96 20.86 10.50
CA HIS A 279 9.86 20.66 11.95
C HIS A 279 10.86 19.62 12.41
N LYS A 280 11.06 18.61 11.59
CA LYS A 280 12.05 17.57 11.88
C LYS A 280 13.46 18.16 11.94
N ALA A 281 13.82 18.97 10.95
CA ALA A 281 15.15 19.57 10.91
C ALA A 281 15.35 20.46 12.10
N CYS A 282 14.27 21.12 12.54
CA CYS A 282 14.32 21.96 13.71
C CYS A 282 14.54 21.14 14.98
N SER A 283 13.91 19.97 15.04
CA SER A 283 13.98 19.16 16.25
C SER A 283 15.42 18.83 16.62
N VAL A 284 16.29 18.67 15.61
CA VAL A 284 17.66 18.27 15.86
C VAL A 284 18.64 19.42 15.60
N PHE A 285 18.12 20.61 15.35
CA PHE A 285 18.96 21.76 15.10
C PHE A 285 19.73 22.19 16.35
N GLN A 286 21.00 22.52 16.17
CA GLN A 286 21.86 22.92 17.28
C GLN A 286 22.76 24.10 16.93
N ALA A 288 25.87 26.65 19.21
CA ALA A 288 26.60 26.79 20.46
C ALA A 288 25.88 27.76 21.38
N ASP A 289 25.27 28.79 20.79
CA ASP A 289 24.44 29.72 21.53
C ASP A 289 23.03 29.14 21.67
N LYS A 290 22.73 28.58 22.84
CA LYS A 290 21.48 27.84 23.01
C LYS A 290 20.25 28.74 22.98
N GLU A 291 20.38 29.97 23.46
CA GLU A 291 19.25 30.91 23.43
C GLU A 291 18.91 31.28 21.99
N GLU A 292 19.93 31.42 21.16
CA GLU A 292 19.72 31.72 19.75
C GLU A 292 19.19 30.51 18.98
N GLU A 293 19.66 29.33 19.31
CA GLU A 293 19.11 28.11 18.75
C GLU A 293 17.61 28.08 19.03
N SER A 294 17.27 28.34 20.29
CA SER A 294 15.88 28.42 20.73
C SER A 294 15.09 29.49 19.95
N ARG A 295 15.69 30.66 19.74
CA ARG A 295 15.03 31.73 18.99
C ARG A 295 14.73 31.31 17.55
N VAL A 296 15.74 30.78 16.86
CA VAL A 296 15.57 30.35 15.47
C VAL A 296 14.43 29.35 15.37
N CYS A 297 14.50 28.29 16.18
CA CYS A 297 13.50 27.25 16.13
C CYS A 297 12.10 27.73 16.49
N LYS A 298 11.99 28.57 17.50
CA LYS A 298 10.70 29.13 17.85
C LYS A 298 10.11 29.90 16.67
N ALA A 299 10.95 30.72 16.04
CA ALA A 299 10.51 31.51 14.88
C ALA A 299 9.98 30.58 13.79
N LEU A 300 10.80 29.60 13.43
CA LEU A 300 10.43 28.69 12.36
C LEU A 300 9.15 27.92 12.67
N PHE A 301 8.99 27.50 13.92
CA PHE A 301 7.78 26.76 14.30
C PHE A 301 6.54 27.65 14.15
N LEU A 302 6.67 28.91 14.53
CA LEU A 302 5.57 29.85 14.34
C LEU A 302 5.20 30.01 12.86
N TYR A 303 6.19 30.40 12.05
CA TYR A 303 5.97 30.62 10.62
C TYR A 303 5.39 29.40 9.93
N THR A 304 5.99 28.24 10.17
CA THR A 304 5.52 27.02 9.55
C THR A 304 4.12 26.63 10.06
N SER A 305 3.82 26.91 11.31
CA SER A 305 2.48 26.63 11.82
C SER A 305 1.45 27.36 10.97
N HIS A 306 1.74 28.65 10.74
CA HIS A 306 0.88 29.46 9.88
C HIS A 306 0.81 28.93 8.44
N LEU A 307 1.96 28.62 7.87
CA LEU A 307 2.00 28.06 6.53
C LEU A 307 1.17 26.79 6.44
N ARG A 308 1.15 26.00 7.51
CA ARG A 308 0.44 24.75 7.48
C ARG A 308 -1.05 25.04 7.44
N LYS A 309 -1.48 26.02 8.26
CA LYS A 309 -2.89 26.40 8.25
C LYS A 309 -3.34 26.91 6.87
N TYR A 310 -2.52 27.80 6.28
CA TYR A 310 -2.77 28.29 4.94
C TYR A 310 -2.88 27.14 3.93
N ASN A 311 -1.90 26.24 3.93
CA ASN A 311 -1.92 25.08 3.04
C ASN A 311 -3.20 24.27 3.17
N ASP A 312 -3.62 24.05 4.42
CA ASP A 312 -4.89 23.34 4.64
C ASP A 312 -6.11 24.08 4.10
N ALA A 313 -6.13 25.40 4.25
CA ALA A 313 -7.26 26.18 3.76
C ALA A 313 -7.31 26.14 2.24
N LEU A 314 -6.13 26.18 1.62
CA LEU A 314 -6.05 26.03 0.17
C LEU A 314 -6.69 24.72 -0.25
N ILE A 315 -6.34 23.65 0.43
CA ILE A 315 -6.92 22.35 0.06
C ILE A 315 -8.45 22.34 0.25
N ILE A 316 -8.90 22.93 1.35
CA ILE A 316 -10.33 23.09 1.59
C ILE A 316 -11.03 23.82 0.45
N SER A 317 -10.45 24.93 -0.03
CA SER A 317 -11.04 25.69 -1.14
C SER A 317 -11.05 24.86 -2.42
N GLU A 318 -10.01 24.05 -2.57
CA GLU A 318 -9.86 23.20 -3.72
C GLU A 318 -11.01 22.19 -3.86
N ASP A 319 -11.33 21.49 -2.78
CA ASP A 319 -12.33 20.43 -2.87
C ASP A 319 -13.70 20.82 -2.34
N ALA A 320 -13.76 21.93 -1.61
CA ALA A 320 -15.00 22.33 -0.97
C ALA A 320 -15.23 23.84 -1.12
N GLN A 321 -15.93 24.46 -0.17
CA GLN A 321 -16.31 25.88 -0.30
C GLN A 321 -15.28 26.86 0.25
N THR A 323 -15.90 29.71 1.62
CA THR A 323 -16.30 30.26 2.91
C THR A 323 -15.85 29.38 4.09
N ASP A 324 -15.83 28.07 3.87
CA ASP A 324 -15.44 27.16 4.95
C ASP A 324 -13.91 27.14 5.10
N ALA A 325 -13.21 27.34 4.00
CA ALA A 325 -11.77 27.52 4.03
C ALA A 325 -11.41 28.80 4.82
N LEU A 326 -12.21 29.85 4.57
CA LEU A 326 -11.99 31.12 5.22
C LEU A 326 -12.29 31.01 6.71
N ASN A 327 -13.40 30.37 7.04
CA ASN A 327 -13.72 30.14 8.45
C ASN A 327 -12.62 29.35 9.16
N TYR A 328 -12.01 28.41 8.44
CA TYR A 328 -10.93 27.62 8.99
C TYR A 328 -9.82 28.58 9.42
N LEU A 329 -9.47 29.49 8.51
CA LEU A 329 -8.45 30.49 8.86
C LEU A 329 -8.85 31.41 10.02
N LYS A 330 -10.07 31.94 9.99
CA LYS A 330 -10.53 32.85 11.02
C LYS A 330 -10.45 32.20 12.38
N ALA A 331 -10.85 30.93 12.41
CA ALA A 331 -10.87 30.18 13.65
C ALA A 331 -9.44 30.04 14.16
N PHE A 332 -8.52 29.71 13.27
CA PHE A 332 -7.12 29.59 13.67
C PHE A 332 -6.57 30.89 14.26
N PHE A 333 -6.75 31.99 13.52
CA PHE A 333 -6.18 33.26 13.92
C PHE A 333 -6.79 33.81 15.21
N HIS A 334 -8.06 33.50 15.44
CA HIS A 334 -8.72 33.87 16.69
C HIS A 334 -8.12 33.04 17.82
N ASP A 335 -7.92 31.75 17.54
CA ASP A 335 -7.51 30.79 18.55
C ASP A 335 -6.09 31.03 19.03
N VAL A 336 -5.24 31.52 18.13
CA VAL A 336 -3.87 31.86 18.50
C VAL A 336 -3.84 33.21 19.24
N ARG A 337 -4.92 33.98 19.08
CA ARG A 337 -5.24 35.17 19.88
C ARG A 337 -6.22 36.13 19.19
N GLU A 343 6.28 40.60 18.63
CA GLU A 343 5.27 39.60 18.29
C GLU A 343 5.12 39.43 16.78
N THR A 344 5.85 38.47 16.23
CA THR A 344 5.64 38.03 14.86
C THR A 344 4.17 37.62 14.68
N GLU A 345 3.60 37.03 15.74
CA GLU A 345 2.22 36.55 15.68
C GLU A 345 1.22 37.66 15.36
N ARG A 346 1.35 38.81 16.03
CA ARG A 346 0.44 39.94 15.78
C ARG A 346 0.62 40.48 14.37
N GLU A 347 1.86 40.50 13.88
CA GLU A 347 2.15 40.96 12.53
C GLU A 347 1.46 40.05 11.50
N LEU A 348 1.77 38.76 11.56
CA LEU A 348 1.15 37.78 10.66
C LEU A 348 -0.36 37.93 10.71
N THR A 349 -0.88 38.02 11.92
CA THR A 349 -2.31 38.22 12.15
C THR A 349 -2.88 39.43 11.40
N ARG A 350 -2.19 40.57 11.46
CA ARG A 350 -2.71 41.76 10.78
C ARG A 350 -2.45 41.74 9.28
N ARG A 351 -1.45 40.96 8.86
CA ARG A 351 -1.23 40.70 7.45
C ARG A 351 -2.41 39.91 6.87
N PHE A 352 -2.93 38.98 7.66
CA PHE A 352 -4.10 38.22 7.26
C PHE A 352 -5.33 39.12 7.30
N GLU A 353 -5.43 39.91 8.37
CA GLU A 353 -6.58 40.77 8.59
C GLU A 353 -6.74 41.83 7.51
N GLU A 354 -5.63 42.19 6.89
CA GLU A 354 -5.63 43.15 5.78
C GLU A 354 -6.28 42.59 4.53
N LYS A 355 -6.38 41.27 4.46
CA LYS A 355 -6.94 40.60 3.28
C LYS A 355 -8.38 40.15 3.52
N LEU A 356 -8.83 40.25 4.77
CA LEU A 356 -10.11 39.69 5.17
C LEU A 356 -11.29 40.19 4.35
N GLU A 357 -11.33 41.49 4.11
CA GLU A 357 -12.42 42.09 3.35
C GLU A 357 -12.49 41.49 1.94
N GLU A 358 -11.36 41.43 1.26
CA GLU A 358 -11.31 40.85 -0.09
C GLU A 358 -11.64 39.35 -0.06
N LEU A 359 -11.04 38.63 0.88
CA LEU A 359 -11.33 37.20 1.07
C LEU A 359 -12.82 36.93 1.25
N GLU A 360 -13.47 37.73 2.10
CA GLU A 360 -14.90 37.60 2.38
C GLU A 360 -15.66 37.86 1.11
N LYS A 361 -15.18 38.85 0.37
CA LYS A 361 -15.78 39.26 -0.89
C LYS A 361 -15.81 38.08 -1.88
N VAL A 362 -14.64 37.51 -2.17
CA VAL A 362 -14.57 36.42 -3.14
C VAL A 362 -15.31 35.18 -2.64
N SER A 363 -15.25 34.95 -1.34
CA SER A 363 -15.91 33.79 -0.75
C SER A 363 -17.43 33.87 -0.82
N ARG A 364 -17.96 35.09 -0.81
CA ARG A 364 -19.41 35.26 -0.83
C ARG A 364 -19.96 35.29 -2.26
N ASP A 365 -19.06 35.36 -3.23
CA ASP A 365 -19.44 35.48 -4.64
C ASP A 365 -20.00 34.18 -5.22
N PRO A 366 -21.29 34.18 -5.62
CA PRO A 366 -21.98 32.97 -6.08
C PRO A 366 -21.28 32.31 -7.26
N SER A 367 -20.59 33.10 -8.07
CA SER A 367 -19.84 32.53 -9.18
C SER A 367 -18.61 31.74 -8.69
N ASN A 368 -18.31 31.81 -7.39
CA ASN A 368 -17.23 31.00 -6.82
C ASN A 368 -17.70 29.71 -6.15
N GLU A 369 -18.94 29.31 -6.41
CA GLU A 369 -19.41 28.00 -5.98
C GLU A 369 -18.48 26.96 -6.58
N ASN A 370 -18.14 25.94 -5.78
CA ASN A 370 -17.24 24.89 -6.25
C ASN A 370 -17.96 23.87 -7.12
N PRO A 371 -17.61 23.82 -8.41
CA PRO A 371 -18.23 22.92 -9.38
C PRO A 371 -18.01 21.44 -9.04
N LYS A 372 -16.93 21.16 -8.31
CA LYS A 372 -16.69 19.80 -7.84
C LYS A 372 -17.79 19.39 -6.86
N LEU A 373 -18.19 20.32 -5.99
CA LEU A 373 -19.25 20.03 -5.05
C LEU A 373 -20.54 19.78 -5.81
N ARG A 374 -20.76 20.52 -6.90
CA ARG A 374 -21.93 20.26 -7.72
C ARG A 374 -21.93 18.82 -8.25
N ASP A 375 -20.80 18.35 -8.77
CA ASP A 375 -20.79 16.94 -9.19
C ASP A 375 -21.02 15.95 -8.04
N LEU A 376 -20.48 16.28 -6.86
CA LEU A 376 -20.70 15.42 -5.70
C LEU A 376 -22.20 15.37 -5.38
N TYR A 377 -22.83 16.53 -5.44
CA TYR A 377 -24.27 16.62 -5.25
C TYR A 377 -24.99 15.72 -6.25
N LEU A 378 -24.56 15.75 -7.51
CA LEU A 378 -25.24 14.96 -8.54
C LEU A 378 -25.19 13.47 -8.19
N VAL A 379 -24.01 13.01 -7.78
CA VAL A 379 -23.86 11.61 -7.40
C VAL A 379 -24.74 11.24 -6.21
N LEU A 380 -24.69 12.07 -5.17
CA LEU A 380 -25.52 11.84 -3.99
C LEU A 380 -27.02 11.80 -4.32
N GLN A 381 -27.50 12.81 -5.03
CA GLN A 381 -28.91 12.87 -5.41
C GLN A 381 -29.34 11.65 -6.22
N GLU A 382 -28.54 11.25 -7.20
CA GLU A 382 -28.87 10.05 -7.98
C GLU A 382 -29.03 8.81 -7.08
N GLU A 383 -27.99 8.53 -6.30
CA GLU A 383 -27.99 7.30 -5.50
C GLU A 383 -29.08 7.26 -4.43
N TYR A 384 -29.36 8.40 -3.80
CA TYR A 384 -30.41 8.42 -2.78
C TYR A 384 -31.81 8.46 -3.41
N HIS A 385 -31.90 8.98 -4.63
CA HIS A 385 -33.16 8.92 -5.37
C HIS A 385 -33.51 7.48 -5.63
N LEU A 386 -32.53 6.71 -6.12
CA LEU A 386 -32.75 5.28 -6.35
C LEU A 386 -32.92 4.47 -5.05
N LYS A 387 -32.21 4.84 -3.99
CA LYS A 387 -32.29 4.12 -2.72
C LYS A 387 -32.24 5.06 -1.53
N PRO A 388 -33.40 5.60 -1.13
CA PRO A 388 -33.54 6.57 -0.05
C PRO A 388 -32.94 6.13 1.29
N GLU A 389 -32.83 4.82 1.51
CA GLU A 389 -32.28 4.35 2.78
C GLU A 389 -30.76 4.15 2.73
N THR A 390 -30.15 4.54 1.62
CA THR A 390 -28.70 4.44 1.45
C THR A 390 -27.93 4.99 2.66
N LYS A 391 -26.96 4.22 3.14
CA LYS A 391 -25.98 4.71 4.09
C LYS A 391 -24.65 4.89 3.36
N THR A 392 -23.98 6.02 3.60
CA THR A 392 -22.79 6.38 2.84
C THR A 392 -21.58 6.68 3.73
N ILE A 393 -20.41 6.23 3.28
CA ILE A 393 -19.17 6.68 3.85
C ILE A 393 -18.44 7.50 2.81
N LEU A 394 -18.15 8.75 3.16
CA LEU A 394 -17.51 9.70 2.26
C LEU A 394 -16.09 9.96 2.73
N PHE A 395 -15.12 9.58 1.90
CA PHE A 395 -13.72 9.79 2.22
C PHE A 395 -13.19 11.04 1.53
N VAL A 396 -12.51 11.89 2.31
CA VAL A 396 -11.91 13.09 1.76
C VAL A 396 -10.41 13.11 2.03
N LYS A 397 -9.73 14.09 1.45
CA LYS A 397 -8.28 14.12 1.36
C LYS A 397 -7.61 14.50 2.67
N THR A 398 -8.24 15.37 3.44
CA THR A 398 -7.64 15.84 4.68
C THR A 398 -8.62 15.87 5.83
N ARG A 399 -8.09 16.04 7.04
CA ARG A 399 -8.93 16.15 8.24
C ARG A 399 -9.83 17.39 8.21
N ALA A 400 -9.29 18.53 7.75
CA ALA A 400 -10.08 19.77 7.69
C ALA A 400 -11.23 19.69 6.68
N LEU A 401 -10.99 18.98 5.58
CA LEU A 401 -12.05 18.73 4.60
C LEU A 401 -13.24 17.99 5.20
N VAL A 402 -12.99 17.16 6.22
CA VAL A 402 -14.08 16.43 6.84
C VAL A 402 -15.13 17.43 7.35
N ASP A 403 -14.66 18.40 8.15
CA ASP A 403 -15.55 19.41 8.72
C ASP A 403 -16.17 20.28 7.62
N ALA A 404 -15.38 20.61 6.60
CA ALA A 404 -15.91 21.42 5.50
C ALA A 404 -17.05 20.71 4.70
N LEU A 405 -16.91 19.41 4.48
CA LEU A 405 -17.93 18.65 3.77
C LEU A 405 -19.17 18.52 4.62
N LYS A 406 -18.98 18.29 5.92
CA LYS A 406 -20.12 18.17 6.82
C LYS A 406 -20.92 19.47 6.86
N LYS A 407 -20.21 20.60 6.94
CA LYS A 407 -20.84 21.91 6.93
C LYS A 407 -21.59 22.15 5.62
N TRP A 408 -20.96 21.77 4.53
CA TRP A 408 -21.58 21.95 3.23
C TRP A 408 -22.90 21.17 3.17
N ILE A 409 -22.87 19.93 3.63
CA ILE A 409 -24.08 19.14 3.58
C ILE A 409 -25.17 19.77 4.45
N GLU A 410 -24.78 20.19 5.66
CA GLU A 410 -25.75 20.72 6.61
C GLU A 410 -26.40 22.01 6.11
N GLU A 411 -25.66 22.81 5.37
CA GLU A 411 -26.20 24.09 4.93
C GLU A 411 -26.92 24.03 3.58
N ASN A 412 -26.82 22.91 2.89
CA ASN A 412 -27.38 22.81 1.54
C ASN A 412 -28.79 22.22 1.55
N PRO A 413 -29.81 23.06 1.26
CA PRO A 413 -31.20 22.61 1.30
C PRO A 413 -31.48 21.49 0.27
N ALA A 414 -30.72 21.47 -0.82
CA ALA A 414 -30.88 20.42 -1.83
C ALA A 414 -30.41 19.05 -1.30
N LEU A 415 -29.72 19.06 -0.16
CA LEU A 415 -29.24 17.82 0.45
C LEU A 415 -29.99 17.52 1.74
N SER A 416 -31.27 17.88 1.75
CA SER A 416 -32.14 17.71 2.91
C SER A 416 -32.31 16.24 3.30
N PHE A 417 -32.07 15.35 2.34
CA PHE A 417 -32.15 13.91 2.59
C PHE A 417 -30.94 13.33 3.36
N LEU A 418 -29.89 14.13 3.52
CA LEU A 418 -28.70 13.65 4.23
C LEU A 418 -28.62 14.13 5.66
N LYS A 419 -28.20 13.24 6.55
CA LYS A 419 -27.93 13.59 7.93
C LYS A 419 -26.48 13.21 8.21
N PRO A 420 -25.56 14.20 8.11
CA PRO A 420 -24.14 13.87 8.11
C PRO A 420 -23.58 13.68 9.51
N GLY A 421 -22.59 12.81 9.62
CA GLY A 421 -21.86 12.62 10.87
C GLY A 421 -20.39 12.36 10.57
N ILE A 422 -19.54 12.43 11.59
CA ILE A 422 -18.12 12.15 11.41
C ILE A 422 -17.79 10.74 11.87
N LEU A 423 -17.06 10.00 11.03
CA LEU A 423 -16.70 8.63 11.33
C LEU A 423 -15.84 8.52 12.59
N THR A 424 -16.35 7.76 13.57
CA THR A 424 -15.72 7.62 14.88
C THR A 424 -14.84 6.37 14.96
N GLY A 425 -13.61 6.55 15.43
CA GLY A 425 -12.68 5.43 15.56
C GLY A 425 -11.29 5.90 15.96
N ASP A 452 -30.77 10.16 13.09
CA ASP A 452 -29.56 9.35 13.02
C ASP A 452 -28.88 9.47 11.66
N ASN A 453 -27.55 9.33 11.64
CA ASN A 453 -26.74 9.60 10.46
C ASN A 453 -26.87 8.61 9.31
N ASN A 454 -27.08 9.12 8.09
CA ASN A 454 -27.03 8.25 6.93
C ASN A 454 -25.80 8.49 6.05
N ILE A 455 -24.96 9.44 6.47
CA ILE A 455 -23.69 9.66 5.80
C ILE A 455 -22.56 10.04 6.76
N LEU A 456 -21.47 9.27 6.73
CA LEU A 456 -20.35 9.51 7.62
C LEU A 456 -19.17 9.97 6.81
N ILE A 457 -18.46 10.98 7.34
CA ILE A 457 -17.38 11.59 6.62
C ILE A 457 -16.06 11.33 7.34
N ALA A 458 -15.04 10.98 6.57
CA ALA A 458 -13.76 10.62 7.15
C ALA A 458 -12.61 10.87 6.19
N THR A 459 -11.40 10.86 6.73
CA THR A 459 -10.19 10.94 5.94
C THR A 459 -9.33 9.72 6.31
N SER A 460 -8.16 9.60 5.70
CA SER A 460 -7.27 8.47 5.99
C SER A 460 -6.80 8.44 7.43
N VAL A 461 -6.88 7.27 8.06
CA VAL A 461 -6.33 7.06 9.39
C VAL A 461 -5.94 5.58 9.54
N ALA A 462 -4.72 5.23 9.15
CA ALA A 462 -4.24 3.85 9.24
C ALA A 462 -3.56 3.61 10.59
N ASP A 463 -3.40 2.36 11.00
CA ASP A 463 -3.89 1.18 10.27
C ASP A 463 -5.27 0.75 10.78
N GLU A 464 -6.23 1.67 10.73
CA GLU A 464 -7.62 1.34 11.05
C GLU A 464 -8.31 0.80 9.80
N GLY A 465 -8.80 -0.44 9.87
CA GLY A 465 -9.58 -0.99 8.79
C GLY A 465 -11.04 -0.56 8.91
N ILE A 466 -11.61 -0.09 7.82
CA ILE A 466 -13.00 0.31 7.82
C ILE A 466 -13.89 -0.82 7.31
N ASP A 467 -14.88 -1.21 8.10
CA ASP A 467 -15.82 -2.24 7.71
C ASP A 467 -16.94 -1.68 6.83
N ILE A 468 -16.94 -1.99 5.54
CA ILE A 468 -17.97 -1.44 4.68
C ILE A 468 -19.16 -2.39 4.49
N ALA A 469 -19.27 -3.39 5.33
CA ALA A 469 -20.46 -4.24 5.32
C ALA A 469 -21.67 -3.45 5.85
N GLU A 470 -21.40 -2.31 6.49
CA GLU A 470 -22.48 -1.47 7.01
C GLU A 470 -23.15 -0.70 5.88
N CYS A 471 -22.36 0.11 5.18
CA CYS A 471 -22.87 1.06 4.21
C CYS A 471 -23.33 0.44 2.89
N ASN A 472 -23.99 1.25 2.07
CA ASN A 472 -24.40 0.83 0.74
C ASN A 472 -23.57 1.55 -0.31
N LEU A 473 -22.92 2.63 0.11
CA LEU A 473 -22.16 3.48 -0.81
C LEU A 473 -20.90 4.06 -0.16
N VAL A 474 -19.76 3.84 -0.80
CA VAL A 474 -18.52 4.48 -0.39
C VAL A 474 -18.12 5.45 -1.50
N ILE A 475 -17.82 6.69 -1.14
CA ILE A 475 -17.35 7.65 -2.13
C ILE A 475 -15.96 8.10 -1.80
N LEU A 476 -15.04 7.90 -2.75
CA LEU A 476 -13.70 8.45 -2.64
C LEU A 476 -13.72 9.77 -3.39
N TYR A 477 -13.69 10.88 -2.64
CA TYR A 477 -13.88 12.19 -3.23
C TYR A 477 -12.53 12.87 -3.40
N GLU A 478 -12.02 12.88 -4.63
CA GLU A 478 -10.67 13.38 -4.92
C GLU A 478 -9.70 12.84 -3.90
N TYR A 479 -9.87 11.57 -3.57
CA TYR A 479 -9.07 11.01 -2.50
C TYR A 479 -7.66 10.66 -2.99
N VAL A 480 -6.68 11.33 -2.40
CA VAL A 480 -5.28 11.00 -2.63
C VAL A 480 -4.64 10.80 -1.27
N GLY A 481 -3.65 9.91 -1.21
CA GLY A 481 -2.96 9.63 0.04
C GLY A 481 -2.84 8.14 0.30
N ASN A 482 -2.55 7.80 1.55
CA ASN A 482 -2.45 6.42 1.97
C ASN A 482 -3.69 5.64 1.53
N VAL A 483 -3.48 4.45 0.99
CA VAL A 483 -4.61 3.60 0.65
C VAL A 483 -5.50 3.37 1.88
N ILE A 484 -6.78 3.17 1.63
CA ILE A 484 -7.73 2.98 2.71
C ILE A 484 -7.99 1.49 2.87
N LYS A 485 -7.63 0.95 4.02
CA LYS A 485 -7.80 -0.48 4.27
C LYS A 485 -9.26 -0.77 4.61
N ILE A 487 -12.47 -3.84 4.99
CA ILE A 487 -12.90 -5.21 5.18
C ILE A 487 -14.43 -5.26 4.99
N GLN A 488 -14.97 -6.46 4.96
CA GLN A 488 -16.40 -6.66 4.89
C GLN A 488 -16.68 -7.78 5.88
N THR A 489 -17.31 -7.47 7.00
CA THR A 489 -17.53 -8.49 8.04
C THR A 489 -18.60 -9.50 7.65
N ARG A 490 -19.43 -9.17 6.67
CA ARG A 490 -20.34 -10.16 6.08
C ARG A 490 -20.68 -9.78 4.64
N GLY A 491 -21.16 -10.75 3.87
CA GLY A 491 -21.55 -10.52 2.48
C GLY A 491 -23.06 -10.40 2.36
N ARG A 492 -23.50 -9.58 1.40
CA ARG A 492 -24.93 -9.40 1.19
C ARG A 492 -25.29 -9.91 -0.20
N GLY A 493 -24.34 -10.58 -0.82
CA GLY A 493 -24.42 -10.89 -2.24
C GLY A 493 -23.69 -9.75 -2.95
N ARG A 494 -23.03 -10.05 -4.06
CA ARG A 494 -22.24 -9.03 -4.76
C ARG A 494 -23.10 -7.87 -5.25
N ALA A 495 -24.32 -8.18 -5.70
CA ALA A 495 -25.22 -7.13 -6.17
C ALA A 495 -25.59 -6.14 -5.05
N ARG A 496 -25.58 -6.60 -3.80
CA ARG A 496 -26.01 -5.80 -2.66
C ARG A 496 -24.87 -5.36 -1.76
N ASP A 497 -23.64 -5.77 -2.08
CA ASP A 497 -22.48 -5.26 -1.34
C ASP A 497 -22.28 -3.78 -1.68
N SER A 498 -21.61 -3.03 -0.79
CA SER A 498 -21.50 -1.59 -1.00
C SER A 498 -20.91 -1.21 -2.36
N LYS A 499 -21.44 -0.14 -2.95
CA LYS A 499 -20.83 0.44 -4.13
C LYS A 499 -19.64 1.29 -3.73
N CYS A 500 -18.68 1.43 -4.64
CA CYS A 500 -17.55 2.33 -4.41
C CYS A 500 -17.37 3.23 -5.65
N PHE A 501 -17.53 4.54 -5.46
CA PHE A 501 -17.24 5.50 -6.51
C PHE A 501 -15.94 6.20 -6.26
N LEU A 502 -15.15 6.33 -7.31
CA LEU A 502 -13.96 7.15 -7.22
C LEU A 502 -14.24 8.42 -8.01
N LEU A 503 -14.39 9.54 -7.31
CA LEU A 503 -14.63 10.81 -7.99
C LEU A 503 -13.32 11.58 -8.09
N THR A 504 -12.92 11.88 -9.31
CA THR A 504 -11.67 12.58 -9.49
C THR A 504 -11.74 13.55 -10.65
N SER A 505 -10.98 14.63 -10.56
CA SER A 505 -10.91 15.58 -11.65
C SER A 505 -9.70 15.26 -12.53
N SER A 506 -8.95 14.22 -12.19
CA SER A 506 -7.73 13.88 -12.93
C SER A 506 -7.90 12.80 -14.00
N ALA A 507 -7.76 13.19 -15.27
CA ALA A 507 -7.82 12.23 -16.37
C ALA A 507 -6.74 11.16 -16.20
N ASP A 508 -5.61 11.55 -15.63
CA ASP A 508 -4.52 10.63 -15.34
C ASP A 508 -4.97 9.50 -14.42
N VAL A 509 -5.62 9.88 -13.32
CA VAL A 509 -6.08 8.91 -12.35
C VAL A 509 -7.11 7.97 -12.96
N ILE A 510 -8.02 8.55 -13.74
CA ILE A 510 -9.03 7.75 -14.39
C ILE A 510 -8.42 6.73 -15.37
N GLU A 511 -7.40 7.16 -16.11
CA GLU A 511 -6.77 6.26 -17.07
C GLU A 511 -6.07 5.12 -16.33
N LYS A 512 -5.34 5.46 -15.26
CA LYS A 512 -4.68 4.44 -14.46
C LYS A 512 -5.68 3.43 -13.89
N GLU A 513 -6.78 3.93 -13.34
CA GLU A 513 -7.80 3.06 -12.79
C GLU A 513 -8.32 2.10 -13.84
N LYS A 514 -8.65 2.63 -15.01
CA LYS A 514 -9.14 1.80 -16.10
C LYS A 514 -8.14 0.70 -16.48
N ALA A 515 -6.89 1.10 -16.70
CA ALA A 515 -5.84 0.14 -17.06
C ALA A 515 -5.66 -0.95 -15.99
N ASN A 516 -5.62 -0.53 -14.73
CA ASN A 516 -5.45 -1.49 -13.64
C ASN A 516 -6.60 -2.44 -13.55
N ILE A 518 -8.51 -3.43 -16.10
CA ILE A 518 -8.30 -4.43 -17.15
C ILE A 518 -7.25 -5.50 -16.76
N LYS A 519 -6.09 -5.05 -16.31
CA LYS A 519 -5.06 -5.97 -15.85
C LYS A 519 -5.61 -6.98 -14.86
N GLU A 520 -6.30 -6.49 -13.83
CA GLU A 520 -6.79 -7.36 -12.77
C GLU A 520 -7.85 -8.35 -13.26
N LYS A 521 -8.70 -7.91 -14.17
CA LYS A 521 -9.68 -8.81 -14.75
C LYS A 521 -9.00 -9.95 -15.52
N ILE A 522 -8.08 -9.59 -16.40
CA ILE A 522 -7.44 -10.64 -17.20
C ILE A 522 -6.62 -11.57 -16.31
N ASN A 524 -7.19 -12.37 -13.07
CA ASN A 524 -8.09 -13.27 -12.35
C ASN A 524 -8.71 -14.34 -13.24
N GLU A 525 -9.13 -13.95 -14.44
CA GLU A 525 -9.70 -14.94 -15.33
C GLU A 525 -8.64 -15.95 -15.78
N SER A 526 -7.42 -15.48 -16.03
CA SER A 526 -6.32 -16.36 -16.43
C SER A 526 -6.00 -17.39 -15.34
N ILE A 527 -5.91 -16.92 -14.10
CA ILE A 527 -5.70 -17.79 -12.97
C ILE A 527 -6.82 -18.84 -12.84
N LEU A 528 -8.07 -18.40 -12.87
CA LEU A 528 -9.19 -19.34 -12.82
C LEU A 528 -9.12 -20.42 -13.92
N ARG A 529 -8.84 -19.99 -15.15
CA ARG A 529 -8.66 -20.94 -16.24
C ARG A 529 -7.54 -21.93 -15.91
N LEU A 530 -6.37 -21.42 -15.53
CA LEU A 530 -5.22 -22.30 -15.28
C LEU A 530 -5.54 -23.30 -14.18
N GLN A 531 -6.29 -22.85 -13.18
CA GLN A 531 -6.69 -23.69 -12.06
C GLN A 531 -7.66 -24.78 -12.48
N THR A 532 -8.39 -24.53 -13.58
CA THR A 532 -9.26 -25.58 -14.12
C THR A 532 -8.52 -26.65 -14.94
N TRP A 533 -7.30 -26.37 -15.35
CA TRP A 533 -6.60 -27.30 -16.25
C TRP A 533 -6.25 -28.63 -15.61
N ASP A 534 -6.40 -29.66 -16.42
CA ASP A 534 -5.86 -30.97 -16.17
C ASP A 534 -4.38 -30.85 -15.78
N GLU A 535 -3.95 -31.67 -14.83
CA GLU A 535 -2.58 -31.63 -14.30
C GLU A 535 -1.51 -32.00 -15.33
N LYS A 537 -2.00 -31.53 -18.66
CA LYS A 537 -1.94 -30.37 -19.55
C LYS A 537 -1.06 -29.25 -18.97
N PHE A 538 -1.33 -28.86 -17.74
CA PHE A 538 -0.54 -27.81 -17.10
C PHE A 538 0.95 -28.16 -17.04
N GLY A 539 1.24 -29.38 -16.60
CA GLY A 539 2.61 -29.86 -16.51
C GLY A 539 3.31 -29.81 -17.84
N LYS A 540 2.67 -30.29 -18.90
CA LYS A 540 3.28 -30.26 -20.23
C LYS A 540 3.54 -28.84 -20.71
N THR A 541 2.55 -27.96 -20.52
CA THR A 541 2.71 -26.55 -20.92
C THR A 541 3.93 -25.92 -20.25
N VAL A 542 4.01 -26.11 -18.93
CA VAL A 542 5.10 -25.57 -18.13
C VAL A 542 6.46 -26.15 -18.52
N HIS A 543 6.52 -27.48 -18.63
CA HIS A 543 7.73 -28.15 -19.05
C HIS A 543 8.25 -27.63 -20.41
N ARG A 544 7.37 -27.48 -21.39
CA ARG A 544 7.78 -26.96 -22.71
C ARG A 544 8.43 -25.61 -22.58
N ILE A 545 7.79 -24.75 -21.78
CA ILE A 545 8.42 -23.45 -21.51
C ILE A 545 9.82 -23.56 -20.87
N GLN A 546 9.94 -24.42 -19.87
CA GLN A 546 11.23 -24.61 -19.19
C GLN A 546 12.33 -25.09 -20.13
N VAL A 547 11.94 -26.02 -21.02
CA VAL A 547 12.87 -26.60 -21.98
C VAL A 547 13.35 -25.50 -22.91
N ASN A 548 12.42 -24.71 -23.43
CA ASN A 548 12.81 -23.58 -24.26
C ASN A 548 13.77 -22.60 -23.59
N GLU A 549 13.44 -22.19 -22.36
CA GLU A 549 14.28 -21.22 -21.65
C GLU A 549 15.66 -21.79 -21.37
N LYS A 550 15.73 -23.07 -21.01
CA LYS A 550 17.04 -23.66 -20.76
C LYS A 550 17.85 -23.72 -22.05
N LEU A 551 17.21 -24.05 -23.16
CA LEU A 551 17.91 -24.10 -24.45
C LEU A 551 18.49 -22.72 -24.77
N LEU A 552 17.72 -21.67 -24.55
CA LEU A 552 18.26 -20.33 -24.72
C LEU A 552 19.47 -20.07 -23.81
N ARG A 553 19.28 -20.20 -22.50
CA ARG A 553 20.38 -19.97 -21.56
C ARG A 553 21.65 -20.74 -21.89
N ASP A 554 21.49 -21.98 -22.33
CA ASP A 554 22.66 -22.84 -22.53
C ASP A 554 23.53 -22.39 -23.70
N SER A 555 22.89 -21.79 -24.71
CA SER A 555 23.61 -21.37 -25.89
C SER A 555 24.39 -20.09 -25.63
#